data_7LAO
#
_entry.id   7LAO
#
_cell.length_a   43.174
_cell.length_b   61.434
_cell.length_c   112.031
_cell.angle_alpha   90.000
_cell.angle_beta   90.000
_cell.angle_gamma   90.000
#
_symmetry.space_group_name_H-M   'P 21 21 21'
#
loop_
_entity.id
_entity.type
_entity.pdbx_description
1 polymer 'Aminoglycoside N(3)-acetyltransferase III'
2 non-polymer '4-(2-HYDROXYETHYL)-1-PIPERAZINE ETHANESULFONIC ACID'
3 non-polymer 'MAGNESIUM ION'
4 water water
#
_entity_poly.entity_id   1
_entity_poly.type   'polypeptide(L)'
_entity_poly.pdbx_seq_one_letter_code
;QGMNTIESITADLHGLGVRPGDLIMVHASLKAVGPVEGGAASVVSALRAAVGSAGTLMGYASWDRSPYEETLNGARMDEE
LRRRWPPFDLATSGTYPGFGLLNRFLLEAPDARRSAHPDASMVAVGPLAATLTEPHRLGQALGEGSPLERFVGHGGKVLL
LGAPLDSVTVLHYAEAIAPIPNKRRVTYEMPMLGPDGRVRWELAEDFDSNGILDCFAVDGKPDAVETIAKAYVELGRHRE
GIVGRAPSYLFEAQDIVSFGVTYLEQHFGAP
;
_entity_poly.pdbx_strand_id   A
#
loop_
_chem_comp.id
_chem_comp.type
_chem_comp.name
_chem_comp.formula
EPE non-polymer '4-(2-HYDROXYETHYL)-1-PIPERAZINE ETHANESULFONIC ACID' 'C8 H18 N2 O4 S'
MG non-polymer 'MAGNESIUM ION' 'Mg 2'
#
# COMPACT_ATOMS: atom_id res chain seq x y z
N GLN A 1 15.54 -8.61 25.24
CA GLN A 1 16.11 -7.33 25.67
C GLN A 1 15.13 -6.22 25.48
N GLY A 2 15.43 -5.05 26.08
CA GLY A 2 14.57 -3.89 25.90
C GLY A 2 14.38 -3.50 24.44
N MET A 3 15.41 -3.67 23.62
CA MET A 3 15.36 -3.37 22.20
C MET A 3 15.64 -4.65 21.44
N ASN A 4 14.70 -5.04 20.56
CA ASN A 4 15.01 -6.09 19.63
C ASN A 4 16.13 -5.67 18.67
N THR A 5 16.63 -6.62 17.92
CA THR A 5 17.83 -6.46 17.11
C THR A 5 17.47 -6.74 15.64
N ILE A 6 18.40 -6.43 14.73
CA ILE A 6 18.14 -6.83 13.35
C ILE A 6 17.94 -8.33 13.26
N GLU A 7 18.77 -9.09 13.96
CA GLU A 7 18.74 -10.55 13.83
C GLU A 7 17.48 -11.15 14.44
N SER A 8 17.01 -10.58 15.53
CA SER A 8 15.83 -11.14 16.20
C SER A 8 14.57 -10.85 15.39
N ILE A 9 14.50 -9.67 14.79
CA ILE A 9 13.37 -9.36 13.89
C ILE A 9 13.43 -10.24 12.64
N THR A 10 14.62 -10.50 12.11
CA THR A 10 14.71 -11.42 10.97
C THR A 10 14.21 -12.80 11.33
N ALA A 11 14.57 -13.29 12.53
CA ALA A 11 14.07 -14.58 13.00
C ALA A 11 12.55 -14.60 13.12
N ASP A 12 11.96 -13.53 13.68
CA ASP A 12 10.49 -13.48 13.77
C ASP A 12 9.83 -13.52 12.37
N LEU A 13 10.37 -12.76 11.41
CA LEU A 13 9.87 -12.78 10.05
C LEU A 13 9.92 -14.18 9.45
N HIS A 14 11.05 -14.85 9.61
CA HIS A 14 11.16 -16.22 9.10
C HIS A 14 10.13 -17.12 9.76
N GLY A 15 9.96 -16.99 11.07
CA GLY A 15 8.98 -17.81 11.76
C GLY A 15 7.58 -17.52 11.29
N LEU A 16 7.34 -16.32 10.78
CA LEU A 16 5.99 -15.98 10.30
C LEU A 16 5.76 -16.49 8.90
N GLY A 17 6.82 -16.93 8.23
CA GLY A 17 6.71 -17.50 6.91
C GLY A 17 7.43 -16.74 5.81
N VAL A 18 8.08 -15.61 6.10
CA VAL A 18 8.83 -14.90 5.07
C VAL A 18 10.03 -15.75 4.66
N ARG A 19 10.31 -15.81 3.35
CA ARG A 19 11.37 -16.66 2.82
C ARG A 19 12.21 -15.90 1.82
N PRO A 20 13.50 -16.27 1.67
CA PRO A 20 14.32 -15.70 0.60
C PRO A 20 13.68 -15.80 -0.78
N GLY A 21 13.72 -14.69 -1.51
CA GLY A 21 13.10 -14.59 -2.82
C GLY A 21 11.71 -14.00 -2.81
N ASP A 22 11.10 -13.85 -1.64
CA ASP A 22 9.71 -13.41 -1.58
C ASP A 22 9.59 -11.98 -2.04
N LEU A 23 8.42 -11.66 -2.56
CA LEU A 23 7.98 -10.29 -2.78
C LEU A 23 7.00 -9.93 -1.66
N ILE A 24 7.37 -8.96 -0.82
CA ILE A 24 6.62 -8.61 0.38
C ILE A 24 6.17 -7.16 0.28
N MET A 25 4.88 -6.92 0.41
CA MET A 25 4.38 -5.59 0.64
C MET A 25 4.12 -5.45 2.14
N VAL A 26 4.76 -4.46 2.77
CA VAL A 26 4.70 -4.30 4.23
C VAL A 26 3.80 -3.13 4.61
N HIS A 27 2.93 -3.34 5.60
CA HIS A 27 2.24 -2.24 6.27
C HIS A 27 2.62 -2.35 7.74
N ALA A 28 3.23 -1.32 8.30
CA ALA A 28 3.70 -1.47 9.68
C ALA A 28 3.21 -0.37 10.59
N SER A 29 3.02 -0.71 11.87
CA SER A 29 3.07 0.28 12.95
C SER A 29 4.35 0.01 13.72
N LEU A 30 5.33 0.90 13.56
CA LEU A 30 6.61 0.69 14.22
C LEU A 30 6.53 0.85 15.71
N LYS A 31 5.47 1.49 16.21
CA LYS A 31 5.30 1.55 17.66
C LYS A 31 4.86 0.20 18.19
N ALA A 32 3.94 -0.48 17.48
CA ALA A 32 3.57 -1.83 17.87
C ALA A 32 4.79 -2.75 17.83
N VAL A 33 5.61 -2.62 16.77
CA VAL A 33 6.81 -3.44 16.69
C VAL A 33 7.73 -3.19 17.89
N GLY A 34 7.79 -1.95 18.36
CA GLY A 34 8.51 -1.60 19.58
C GLY A 34 9.97 -1.33 19.26
N PRO A 35 10.74 -0.99 20.29
CA PRO A 35 12.12 -0.54 20.07
C PRO A 35 12.96 -1.63 19.43
N VAL A 36 13.69 -1.23 18.41
CA VAL A 36 14.65 -2.06 17.69
C VAL A 36 15.95 -1.27 17.68
N GLU A 37 17.09 -1.96 17.84
CA GLU A 37 18.34 -1.22 17.83
C GLU A 37 18.58 -0.65 16.44
N GLY A 38 18.85 0.66 16.36
CA GLY A 38 18.98 1.36 15.09
C GLY A 38 17.67 1.86 14.49
N GLY A 39 16.54 1.67 15.17
CA GLY A 39 15.30 2.27 14.71
C GLY A 39 14.72 1.65 13.46
N ALA A 40 13.87 2.44 12.80
CA ALA A 40 13.11 1.93 11.66
C ALA A 40 14.03 1.49 10.53
N ALA A 41 15.24 2.07 10.46
CA ALA A 41 16.18 1.61 9.44
C ALA A 41 16.53 0.14 9.66
N SER A 42 16.61 -0.29 10.92
CA SER A 42 16.95 -1.68 11.21
C SER A 42 15.80 -2.62 10.89
N VAL A 43 14.55 -2.14 10.97
CA VAL A 43 13.46 -2.97 10.49
C VAL A 43 13.60 -3.22 8.97
N VAL A 44 14.00 -2.21 8.20
CA VAL A 44 14.22 -2.45 6.76
C VAL A 44 15.34 -3.48 6.54
N SER A 45 16.45 -3.34 7.28
CA SER A 45 17.55 -4.29 7.25
C SER A 45 17.09 -5.70 7.57
N ALA A 46 16.24 -5.85 8.58
CA ALA A 46 15.76 -7.19 8.92
C ALA A 46 14.91 -7.77 7.79
N LEU A 47 14.01 -6.96 7.26
CA LEU A 47 13.19 -7.44 6.14
C LEU A 47 14.08 -7.84 4.95
N ARG A 48 15.12 -7.07 4.68
CA ARG A 48 16.01 -7.42 3.58
C ARG A 48 16.76 -8.70 3.88
N ALA A 49 17.23 -8.84 5.14
CA ALA A 49 17.83 -10.11 5.55
C ALA A 49 16.84 -11.25 5.33
N ALA A 50 15.56 -11.02 5.65
CA ALA A 50 14.58 -12.10 5.54
C ALA A 50 14.34 -12.50 4.07
N VAL A 51 14.27 -11.53 3.15
CA VAL A 51 13.96 -11.92 1.76
C VAL A 51 15.19 -12.13 0.88
N GLY A 52 16.40 -11.88 1.39
CA GLY A 52 17.61 -12.04 0.58
C GLY A 52 17.73 -11.03 -0.54
N SER A 53 18.86 -11.14 -1.26
CA SER A 53 19.11 -10.22 -2.34
C SER A 53 18.17 -10.47 -3.50
N ALA A 54 17.50 -11.63 -3.57
CA ALA A 54 16.56 -11.90 -4.67
C ALA A 54 15.14 -11.45 -4.37
N GLY A 55 14.83 -11.14 -3.11
CA GLY A 55 13.51 -10.69 -2.75
C GLY A 55 13.29 -9.23 -3.05
N THR A 56 12.03 -8.85 -3.05
CA THR A 56 11.65 -7.47 -3.26
C THR A 56 10.73 -7.02 -2.13
N LEU A 57 10.99 -5.83 -1.59
CA LEU A 57 10.09 -5.28 -0.59
C LEU A 57 9.33 -4.15 -1.23
N MET A 58 8.12 -3.93 -0.74
CA MET A 58 7.27 -2.92 -1.33
C MET A 58 6.45 -2.22 -0.25
N GLY A 59 6.13 -0.97 -0.51
CA GLY A 59 5.38 -0.22 0.48
C GLY A 59 4.52 0.82 -0.20
N TYR A 60 3.47 1.22 0.50
CA TYR A 60 2.52 2.21 -0.01
C TYR A 60 2.90 3.58 0.54
N ALA A 61 3.64 4.36 -0.26
CA ALA A 61 4.27 5.57 0.27
C ALA A 61 3.35 6.79 0.17
N SER A 62 2.69 6.96 -0.97
CA SER A 62 1.78 8.10 -1.16
C SER A 62 2.61 9.38 -0.96
N TRP A 63 2.02 10.44 -0.41
CA TRP A 63 2.71 11.73 -0.38
C TRP A 63 2.14 12.55 0.77
N ASP A 64 3.03 13.18 1.56
CA ASP A 64 2.58 13.99 2.68
C ASP A 64 1.98 15.34 2.27
N ARG A 65 2.04 15.72 0.98
CA ARG A 65 1.44 16.96 0.48
C ARG A 65 0.54 16.69 -0.73
N SER A 66 -0.16 15.57 -0.74
CA SER A 66 -1.05 15.28 -1.86
C SER A 66 -2.28 16.19 -1.77
N PRO A 67 -2.72 16.79 -2.91
CA PRO A 67 -3.94 17.61 -2.90
C PRO A 67 -5.20 16.81 -3.24
N TYR A 68 -5.35 15.64 -2.62
CA TYR A 68 -6.47 14.75 -2.92
C TYR A 68 -7.80 15.37 -2.52
N GLU A 69 -7.95 15.76 -1.26
CA GLU A 69 -9.24 16.27 -0.85
C GLU A 69 -9.47 17.69 -1.37
N GLU A 70 -8.39 18.47 -1.45
CA GLU A 70 -8.47 19.83 -1.95
C GLU A 70 -8.95 19.90 -3.39
N THR A 71 -8.89 18.77 -4.12
CA THR A 71 -9.27 18.71 -5.52
C THR A 71 -10.35 17.66 -5.77
N LEU A 72 -11.02 17.19 -4.70
CA LEU A 72 -11.83 15.97 -4.76
C LEU A 72 -13.22 16.25 -5.33
N ASN A 73 -13.55 15.52 -6.41
CA ASN A 73 -14.88 15.53 -7.01
C ASN A 73 -15.28 16.95 -7.43
N GLY A 74 -14.46 17.52 -8.31
CA GLY A 74 -14.69 18.85 -8.82
C GLY A 74 -14.90 19.87 -7.72
N ALA A 75 -13.99 19.90 -6.76
CA ALA A 75 -14.03 20.93 -5.72
C ALA A 75 -13.46 22.21 -6.29
N ARG A 76 -14.13 23.34 -6.03
CA ARG A 76 -13.57 24.64 -6.34
C ARG A 76 -12.26 24.76 -5.58
N MET A 77 -11.14 24.59 -6.29
CA MET A 77 -9.89 24.20 -5.65
C MET A 77 -9.20 25.31 -4.89
N ASP A 78 -9.81 26.48 -4.74
CA ASP A 78 -9.23 27.55 -3.94
C ASP A 78 -7.91 28.15 -4.43
N GLU A 79 -7.95 28.84 -5.57
CA GLU A 79 -6.73 29.31 -6.21
C GLU A 79 -5.99 30.28 -5.29
N GLU A 80 -6.52 30.43 -4.05
CA GLU A 80 -5.91 31.25 -2.94
C GLU A 80 -4.47 30.76 -2.84
N LEU A 81 -4.37 29.46 -3.06
CA LEU A 81 -3.13 28.73 -3.30
C LEU A 81 -2.12 29.43 -4.23
N ARG A 82 -2.62 29.99 -5.33
CA ARG A 82 -1.81 30.54 -6.43
C ARG A 82 -0.76 29.54 -6.93
N ARG A 83 -1.07 28.26 -6.76
CA ARG A 83 -0.40 27.11 -7.35
C ARG A 83 1.06 26.99 -6.94
N ARG A 84 1.44 27.47 -5.77
CA ARG A 84 2.76 27.11 -5.27
C ARG A 84 2.74 25.84 -4.45
N TRP A 85 1.79 24.97 -4.73
CA TRP A 85 1.82 23.62 -4.19
C TRP A 85 3.16 22.96 -4.54
N PRO A 86 3.86 22.38 -3.58
CA PRO A 86 5.17 21.78 -3.86
C PRO A 86 5.06 20.68 -4.90
N PRO A 87 6.00 20.64 -5.85
CA PRO A 87 5.96 19.58 -6.85
C PRO A 87 6.29 18.23 -6.25
N PHE A 88 5.71 17.19 -6.84
CA PHE A 88 5.96 15.84 -6.35
C PHE A 88 7.27 15.37 -6.95
N ASP A 89 8.31 15.32 -6.12
CA ASP A 89 9.63 14.89 -6.56
C ASP A 89 9.90 13.53 -5.96
N LEU A 90 10.27 12.56 -6.80
CA LEU A 90 10.35 11.17 -6.37
C LEU A 90 11.34 11.01 -5.23
N ALA A 91 12.47 11.72 -5.29
CA ALA A 91 13.56 11.54 -4.34
C ALA A 91 13.37 12.33 -3.06
N THR A 92 12.71 13.47 -3.10
CA THR A 92 12.69 14.33 -1.92
C THR A 92 11.34 14.45 -1.25
N SER A 93 10.24 14.15 -1.93
CA SER A 93 8.95 14.43 -1.33
C SER A 93 8.63 13.40 -0.24
N GLY A 94 8.07 13.88 0.85
CA GLY A 94 7.75 13.03 1.97
C GLY A 94 6.65 12.04 1.66
N THR A 95 6.56 11.03 2.50
CA THR A 95 5.53 10.00 2.41
C THR A 95 4.36 10.40 3.26
N TYR A 96 3.20 9.86 2.96
CA TYR A 96 2.04 10.11 3.80
C TYR A 96 2.24 9.45 5.16
N PRO A 97 2.28 10.20 6.26
CA PRO A 97 2.56 9.59 7.57
C PRO A 97 1.55 8.53 8.00
N GLY A 98 0.31 8.58 7.50
CA GLY A 98 -0.69 7.63 7.92
C GLY A 98 -0.42 6.20 7.50
N PHE A 99 0.46 5.99 6.53
CA PHE A 99 0.80 4.65 6.05
C PHE A 99 2.07 4.11 6.70
N GLY A 100 2.68 4.84 7.62
CA GLY A 100 3.77 4.36 8.46
C GLY A 100 5.14 4.96 8.18
N LEU A 101 5.92 5.12 9.24
CA LEU A 101 7.26 5.68 9.12
C LEU A 101 8.19 4.79 8.31
N LEU A 102 7.87 3.51 8.19
CA LEU A 102 8.73 2.58 7.47
C LEU A 102 8.89 2.96 6.00
N ASN A 103 7.86 3.54 5.37
CA ASN A 103 8.03 3.82 3.93
C ASN A 103 9.13 4.86 3.67
N ARG A 104 9.35 5.77 4.63
CA ARG A 104 10.47 6.68 4.49
C ARG A 104 11.80 5.91 4.45
N PHE A 105 11.91 4.81 5.20
CA PHE A 105 13.16 4.08 5.24
C PHE A 105 13.31 3.04 4.13
N LEU A 106 12.19 2.52 3.61
CA LEU A 106 12.25 1.76 2.37
C LEU A 106 12.79 2.66 1.25
N LEU A 107 12.33 3.90 1.18
CA LEU A 107 12.83 4.84 0.21
C LEU A 107 14.34 5.05 0.35
N GLU A 108 14.86 5.02 1.57
CA GLU A 108 16.30 5.23 1.79
C GLU A 108 17.12 3.96 1.57
N ALA A 109 16.48 2.81 1.34
CA ALA A 109 17.18 1.54 1.15
C ALA A 109 17.93 1.57 -0.18
N PRO A 110 18.98 0.76 -0.34
CA PRO A 110 19.82 0.87 -1.54
C PRO A 110 19.05 0.51 -2.80
N ASP A 111 19.09 1.42 -3.76
CA ASP A 111 18.52 1.18 -5.09
C ASP A 111 16.99 1.08 -5.05
N ALA A 112 16.39 1.63 -3.99
CA ALA A 112 14.93 1.71 -3.95
C ALA A 112 14.44 2.62 -5.07
N ARG A 113 13.22 2.34 -5.56
CA ARG A 113 12.60 3.16 -6.59
C ARG A 113 11.21 3.55 -6.13
N ARG A 114 10.67 4.60 -6.71
CA ARG A 114 9.39 5.13 -6.28
C ARG A 114 8.53 5.38 -7.49
N SER A 115 7.24 5.08 -7.37
CA SER A 115 6.34 5.25 -8.52
C SER A 115 5.89 6.70 -8.64
N ALA A 116 5.47 7.08 -9.85
CA ALA A 116 5.24 8.49 -10.18
C ALA A 116 3.82 8.96 -9.93
N HIS A 117 2.89 8.09 -9.49
CA HIS A 117 1.54 8.53 -9.13
C HIS A 117 1.64 9.22 -7.78
N PRO A 118 1.51 10.54 -7.69
CA PRO A 118 1.82 11.18 -6.39
C PRO A 118 0.89 10.74 -5.28
N ASP A 119 -0.42 10.68 -5.55
CA ASP A 119 -1.31 10.31 -4.44
C ASP A 119 -1.21 8.83 -4.09
N ALA A 120 -0.95 7.95 -5.06
CA ALA A 120 -0.92 6.52 -4.80
C ALA A 120 0.51 5.97 -4.83
N SER A 121 1.50 6.84 -4.73
CA SER A 121 2.89 6.47 -4.93
C SER A 121 3.31 5.22 -4.14
N MET A 122 4.05 4.35 -4.80
CA MET A 122 4.55 3.12 -4.21
C MET A 122 6.06 3.13 -4.19
N VAL A 123 6.66 2.48 -3.19
CA VAL A 123 8.11 2.34 -3.11
C VAL A 123 8.37 0.85 -3.22
N ALA A 124 9.42 0.47 -3.95
CA ALA A 124 9.84 -0.93 -4.08
C ALA A 124 11.36 -1.03 -4.17
N VAL A 125 11.89 -2.16 -3.68
CA VAL A 125 13.35 -2.33 -3.55
C VAL A 125 13.69 -3.79 -3.76
N GLY A 126 14.56 -4.08 -4.74
CA GLY A 126 14.87 -5.44 -5.10
C GLY A 126 14.70 -5.64 -6.60
N PRO A 127 14.88 -6.89 -7.06
CA PRO A 127 14.84 -7.14 -8.53
C PRO A 127 13.59 -6.61 -9.20
N LEU A 128 12.45 -6.61 -8.53
CA LEU A 128 11.20 -6.24 -9.20
C LEU A 128 10.91 -4.76 -9.05
N ALA A 129 11.90 -3.94 -8.66
CA ALA A 129 11.56 -2.58 -8.25
C ALA A 129 10.97 -1.75 -9.40
N ALA A 130 11.66 -1.69 -10.56
CA ALA A 130 11.14 -0.92 -11.70
C ALA A 130 9.88 -1.57 -12.26
N THR A 131 9.89 -2.90 -12.38
CA THR A 131 8.68 -3.63 -12.79
C THR A 131 7.45 -3.19 -11.96
N LEU A 132 7.61 -3.08 -10.64
CA LEU A 132 6.46 -2.73 -9.81
C LEU A 132 6.09 -1.26 -9.95
N THR A 133 7.09 -0.36 -10.00
CA THR A 133 6.82 1.07 -9.88
C THR A 133 6.52 1.78 -11.19
N GLU A 134 6.67 1.12 -12.34
CA GLU A 134 6.35 1.72 -13.64
C GLU A 134 5.55 0.72 -14.47
N PRO A 135 4.46 1.14 -15.15
CA PRO A 135 3.90 2.50 -15.14
C PRO A 135 2.99 2.75 -13.95
N HIS A 136 2.66 4.01 -13.67
CA HIS A 136 1.75 4.28 -12.55
C HIS A 136 1.04 5.59 -12.90
N ARG A 137 -0.08 5.46 -13.61
CA ARG A 137 -0.75 6.59 -14.23
C ARG A 137 -1.97 7.04 -13.44
N LEU A 138 -2.29 8.33 -13.61
CA LEU A 138 -3.56 8.82 -13.13
C LEU A 138 -4.69 8.00 -13.72
N GLY A 139 -5.67 7.61 -12.88
CA GLY A 139 -6.72 6.71 -13.28
C GLY A 139 -6.38 5.24 -13.13
N GLN A 140 -5.17 4.94 -12.70
CA GLN A 140 -4.72 3.57 -12.47
C GLN A 140 -4.04 3.51 -11.12
N ALA A 141 -4.71 4.06 -10.11
CA ALA A 141 -4.09 4.18 -8.79
C ALA A 141 -3.82 2.81 -8.17
N LEU A 142 -4.86 1.99 -8.02
CA LEU A 142 -4.72 0.74 -7.30
C LEU A 142 -5.33 -0.43 -8.06
N GLY A 143 -5.89 -0.21 -9.24
CA GLY A 143 -6.60 -1.27 -9.93
C GLY A 143 -5.84 -1.86 -11.12
N GLU A 144 -6.50 -2.03 -12.26
CA GLU A 144 -5.82 -2.57 -13.42
C GLU A 144 -4.75 -1.59 -13.92
N GLY A 145 -3.59 -2.12 -14.25
CA GLY A 145 -2.47 -1.30 -14.68
C GLY A 145 -1.63 -0.73 -13.57
N SER A 146 -2.04 -0.89 -12.32
CA SER A 146 -1.35 -0.27 -11.20
C SER A 146 -0.23 -1.16 -10.73
N PRO A 147 0.70 -0.64 -9.92
CA PRO A 147 1.65 -1.55 -9.24
C PRO A 147 0.99 -2.70 -8.45
N LEU A 148 -0.25 -2.54 -7.94
CA LEU A 148 -0.91 -3.63 -7.20
C LEU A 148 -1.19 -4.81 -8.11
N GLU A 149 -1.58 -4.52 -9.37
CA GLU A 149 -1.87 -5.62 -10.29
C GLU A 149 -0.62 -6.44 -10.53
N ARG A 150 0.55 -5.78 -10.63
CA ARG A 150 1.76 -6.54 -10.89
C ARG A 150 2.27 -7.21 -9.62
N PHE A 151 2.05 -6.58 -8.48
CA PHE A 151 2.38 -7.21 -7.19
C PHE A 151 1.63 -8.53 -7.03
N VAL A 152 0.33 -8.54 -7.38
CA VAL A 152 -0.46 -9.79 -7.35
C VAL A 152 0.05 -10.77 -8.40
N GLY A 153 0.28 -10.30 -9.66
CA GLY A 153 0.74 -11.20 -10.71
C GLY A 153 2.09 -11.85 -10.44
N HIS A 154 2.95 -11.19 -9.65
CA HIS A 154 4.25 -11.75 -9.30
C HIS A 154 4.22 -12.55 -8.00
N GLY A 155 3.04 -12.88 -7.50
CA GLY A 155 2.97 -13.74 -6.34
C GLY A 155 3.34 -13.05 -5.03
N GLY A 156 2.99 -11.78 -4.87
CA GLY A 156 3.39 -11.09 -3.66
C GLY A 156 2.66 -11.60 -2.41
N LYS A 157 3.26 -11.30 -1.26
CA LYS A 157 2.65 -11.59 0.04
C LYS A 157 2.48 -10.27 0.79
N VAL A 158 1.40 -10.17 1.56
CA VAL A 158 1.14 -8.96 2.32
C VAL A 158 1.54 -9.21 3.76
N LEU A 159 2.39 -8.33 4.26
CA LEU A 159 2.89 -8.42 5.64
C LEU A 159 2.31 -7.27 6.46
N LEU A 160 1.51 -7.58 7.50
CA LEU A 160 1.07 -6.56 8.45
C LEU A 160 1.91 -6.71 9.71
N LEU A 161 2.65 -5.66 10.08
CA LEU A 161 3.47 -5.66 11.29
C LEU A 161 2.80 -4.72 12.28
N GLY A 162 1.87 -5.26 13.07
CA GLY A 162 1.04 -4.51 13.99
C GLY A 162 0.03 -3.59 13.34
N ALA A 163 -0.12 -3.59 11.98
CA ALA A 163 -1.10 -2.72 11.36
C ALA A 163 -2.46 -3.44 11.32
N PRO A 164 -3.57 -2.73 11.34
CA PRO A 164 -4.87 -3.41 11.40
C PRO A 164 -5.26 -3.99 10.04
N LEU A 165 -6.27 -4.86 10.06
CA LEU A 165 -6.70 -5.53 8.83
C LEU A 165 -7.18 -4.53 7.76
N ASP A 166 -7.70 -3.36 8.16
CA ASP A 166 -8.11 -2.38 7.16
C ASP A 166 -6.94 -1.79 6.37
N SER A 167 -5.68 -2.07 6.74
CA SER A 167 -4.58 -1.51 5.96
CA SER A 167 -4.56 -1.54 5.99
C SER A 167 -4.11 -2.44 4.83
N VAL A 168 -4.89 -3.50 4.50
CA VAL A 168 -4.49 -4.44 3.43
C VAL A 168 -4.77 -3.85 2.04
N THR A 169 -3.82 -3.05 1.56
CA THR A 169 -4.05 -2.23 0.37
C THR A 169 -4.35 -3.07 -0.87
N VAL A 170 -3.78 -4.26 -0.97
CA VAL A 170 -4.05 -5.06 -2.17
C VAL A 170 -5.53 -5.37 -2.35
N LEU A 171 -6.35 -5.30 -1.28
CA LEU A 171 -7.77 -5.57 -1.47
C LEU A 171 -8.46 -4.43 -2.22
N HIS A 172 -7.85 -3.25 -2.30
CA HIS A 172 -8.37 -2.25 -3.25
C HIS A 172 -8.25 -2.72 -4.69
N TYR A 173 -7.26 -3.55 -5.03
CA TYR A 173 -7.20 -4.10 -6.38
C TYR A 173 -8.37 -5.06 -6.64
N ALA A 174 -8.69 -5.92 -5.66
CA ALA A 174 -9.87 -6.79 -5.76
C ALA A 174 -11.14 -5.97 -5.96
N GLU A 175 -11.28 -4.88 -5.20
CA GLU A 175 -12.42 -3.99 -5.42
C GLU A 175 -12.45 -3.52 -6.87
N ALA A 176 -11.29 -3.25 -7.46
CA ALA A 176 -11.33 -2.65 -8.79
C ALA A 176 -11.76 -3.67 -9.84
N ILE A 177 -11.34 -4.93 -9.68
CA ILE A 177 -11.63 -5.95 -10.70
C ILE A 177 -12.92 -6.73 -10.43
N ALA A 178 -13.57 -6.54 -9.28
CA ALA A 178 -14.76 -7.33 -8.93
C ALA A 178 -15.95 -6.99 -9.82
N PRO A 179 -16.51 -7.97 -10.56
CA PRO A 179 -17.60 -7.75 -11.53
C PRO A 179 -18.94 -7.45 -10.86
N ILE A 180 -19.05 -6.31 -10.20
CA ILE A 180 -20.28 -5.99 -9.51
C ILE A 180 -20.71 -4.59 -9.92
N PRO A 181 -22.00 -4.27 -9.84
CA PRO A 181 -22.46 -2.91 -10.16
C PRO A 181 -22.36 -1.91 -9.00
N ASN A 182 -22.64 -0.64 -9.32
CA ASN A 182 -22.79 0.44 -8.36
C ASN A 182 -21.48 0.80 -7.67
N LYS A 183 -20.34 0.42 -8.23
CA LYS A 183 -19.05 0.76 -7.66
C LYS A 183 -18.84 2.28 -7.69
N ARG A 184 -18.31 2.82 -6.60
CA ARG A 184 -18.15 4.26 -6.45
C ARG A 184 -16.87 4.75 -7.13
N ARG A 185 -16.96 5.92 -7.76
CA ARG A 185 -15.86 6.59 -8.44
C ARG A 185 -15.65 7.96 -7.81
N VAL A 186 -14.43 8.48 -7.97
CA VAL A 186 -14.08 9.83 -7.55
C VAL A 186 -13.25 10.47 -8.66
N THR A 187 -13.08 11.79 -8.54
CA THR A 187 -12.20 12.57 -9.41
C THR A 187 -11.39 13.54 -8.58
N TYR A 188 -10.12 13.69 -8.95
CA TYR A 188 -9.27 14.69 -8.31
C TYR A 188 -8.21 15.12 -9.32
N GLU A 189 -7.34 16.03 -8.90
CA GLU A 189 -6.28 16.53 -9.76
C GLU A 189 -4.93 16.44 -9.05
N MET A 190 -3.88 16.17 -9.84
CA MET A 190 -2.52 16.00 -9.34
C MET A 190 -1.52 16.74 -10.22
N PRO A 191 -0.49 17.36 -9.60
CA PRO A 191 0.60 17.97 -10.37
C PRO A 191 1.52 16.92 -10.99
N MET A 192 1.41 16.78 -12.32
CA MET A 192 2.28 15.88 -13.08
C MET A 192 3.54 16.61 -13.58
N LEU A 193 4.41 15.89 -14.30
CA LEU A 193 5.66 16.45 -14.82
C LEU A 193 5.77 16.32 -16.34
N GLY A 194 4.67 15.94 -17.02
CA GLY A 194 4.60 15.66 -18.45
C GLY A 194 5.81 15.92 -19.36
N PRO A 195 5.58 16.65 -20.48
CA PRO A 195 6.67 16.98 -21.42
C PRO A 195 7.67 18.02 -20.89
N ASP A 196 8.18 17.78 -19.68
CA ASP A 196 9.20 18.59 -19.00
C ASP A 196 9.11 20.11 -19.10
N GLY A 197 7.91 20.55 -19.42
CA GLY A 197 7.53 21.88 -19.07
C GLY A 197 7.01 21.97 -17.68
N ARG A 198 7.84 21.56 -16.69
CA ARG A 198 7.40 21.63 -15.34
C ARG A 198 6.09 20.96 -14.95
N VAL A 199 5.27 21.61 -14.15
CA VAL A 199 4.03 21.12 -13.58
C VAL A 199 2.91 21.34 -14.57
N ARG A 200 2.13 20.29 -14.80
CA ARG A 200 0.86 20.38 -15.49
C ARG A 200 -0.14 19.63 -14.64
N TRP A 201 -1.10 20.36 -14.08
CA TRP A 201 -2.13 19.71 -13.27
C TRP A 201 -3.04 18.91 -14.17
N GLU A 202 -3.19 17.66 -13.83
CA GLU A 202 -3.89 16.74 -14.66
C GLU A 202 -4.87 16.04 -13.80
N LEU A 203 -5.80 15.48 -14.44
CA LEU A 203 -6.96 15.06 -13.76
C LEU A 203 -7.01 13.54 -13.73
N ALA A 204 -7.47 12.98 -12.61
CA ALA A 204 -7.74 11.55 -12.51
C ALA A 204 -9.22 11.27 -12.28
N GLU A 205 -9.59 10.05 -12.64
CA GLU A 205 -10.92 9.47 -12.45
C GLU A 205 -10.61 8.04 -12.02
N ASP A 206 -10.99 7.65 -10.79
CA ASP A 206 -10.65 6.33 -10.30
C ASP A 206 -11.70 5.86 -9.31
N PHE A 207 -11.60 4.58 -8.96
CA PHE A 207 -12.49 4.01 -7.95
C PHE A 207 -12.25 4.66 -6.59
N ASP A 208 -13.32 4.77 -5.81
CA ASP A 208 -13.26 5.33 -4.46
C ASP A 208 -12.43 4.43 -3.52
N SER A 209 -11.35 4.97 -2.93
CA SER A 209 -10.54 4.23 -1.96
C SER A 209 -11.11 4.27 -0.55
N ASN A 210 -12.10 5.11 -0.28
CA ASN A 210 -12.72 5.14 1.04
C ASN A 210 -14.15 4.65 0.92
N GLY A 211 -14.32 3.43 0.41
CA GLY A 211 -15.62 2.81 0.27
C GLY A 211 -16.00 2.52 -1.16
N ILE A 212 -15.92 1.25 -1.56
CA ILE A 212 -16.21 0.89 -2.95
C ILE A 212 -17.71 0.89 -3.22
N LEU A 213 -18.51 0.71 -2.17
CA LEU A 213 -19.97 0.75 -2.28
C LEU A 213 -20.49 1.64 -1.18
N ASP A 214 -21.75 2.05 -1.29
CA ASP A 214 -22.31 2.99 -0.32
C ASP A 214 -22.21 2.46 1.10
N CYS A 215 -22.54 1.18 1.31
CA CYS A 215 -22.56 0.66 2.67
C CYS A 215 -21.16 0.57 3.27
N PHE A 216 -20.13 0.51 2.44
CA PHE A 216 -18.76 0.46 2.96
C PHE A 216 -18.13 1.84 3.15
N ALA A 217 -18.87 2.90 2.86
CA ALA A 217 -18.34 4.26 2.91
C ALA A 217 -18.87 5.02 4.12
N VAL A 218 -19.59 4.34 5.00
CA VAL A 218 -20.12 4.98 6.20
C VAL A 218 -19.02 5.09 7.24
N ASP A 219 -18.99 6.20 7.96
CA ASP A 219 -17.94 6.42 8.94
C ASP A 219 -18.21 5.60 10.19
N GLY A 220 -17.13 5.18 10.85
CA GLY A 220 -17.24 4.36 12.02
C GLY A 220 -17.62 2.92 11.77
N LYS A 221 -17.87 2.55 10.51
CA LYS A 221 -18.25 1.18 10.20
C LYS A 221 -17.23 0.59 9.24
N PRO A 222 -17.04 -0.73 9.27
CA PRO A 222 -15.96 -1.31 8.49
C PRO A 222 -16.12 -1.04 7.00
N ASP A 223 -15.00 -0.76 6.36
CA ASP A 223 -14.98 -0.66 4.92
C ASP A 223 -14.89 -2.05 4.33
N ALA A 224 -14.80 -2.12 3.02
CA ALA A 224 -14.79 -3.43 2.36
C ALA A 224 -13.49 -4.17 2.63
N VAL A 225 -12.36 -3.44 2.65
CA VAL A 225 -11.08 -4.07 2.91
C VAL A 225 -11.14 -4.82 4.24
N GLU A 226 -11.53 -4.14 5.30
CA GLU A 226 -11.64 -4.76 6.61
C GLU A 226 -12.65 -5.90 6.60
N THR A 227 -13.82 -5.67 6.01
CA THR A 227 -14.84 -6.72 6.00
C THR A 227 -14.28 -7.98 5.34
N ILE A 228 -13.62 -7.81 4.19
CA ILE A 228 -13.15 -8.95 3.42
C ILE A 228 -12.00 -9.67 4.12
N ALA A 229 -11.05 -8.90 4.67
CA ALA A 229 -9.92 -9.51 5.35
C ALA A 229 -10.37 -10.31 6.54
N LYS A 230 -11.30 -9.77 7.32
CA LYS A 230 -11.82 -10.53 8.46
C LYS A 230 -12.46 -11.83 8.01
N ALA A 231 -13.29 -11.77 6.96
CA ALA A 231 -13.91 -12.98 6.46
C ALA A 231 -12.86 -13.96 5.93
N TYR A 232 -11.79 -13.43 5.29
CA TYR A 232 -10.74 -14.32 4.78
C TYR A 232 -9.99 -14.99 5.93
N VAL A 233 -9.74 -14.24 7.00
CA VAL A 233 -9.00 -14.83 8.11
C VAL A 233 -9.65 -16.12 8.66
N GLU A 234 -10.98 -16.26 8.58
CA GLU A 234 -11.63 -17.43 9.12
C GLU A 234 -11.16 -18.74 8.46
N LEU A 235 -10.68 -18.68 7.20
CA LEU A 235 -10.21 -19.88 6.50
C LEU A 235 -8.94 -20.47 7.11
N GLY A 236 -8.19 -19.68 7.89
CA GLY A 236 -7.01 -20.21 8.52
C GLY A 236 -5.87 -20.49 7.53
N ARG A 237 -5.87 -19.83 6.37
CA ARG A 237 -4.80 -20.01 5.36
C ARG A 237 -3.61 -19.12 5.59
N HIS A 238 -3.84 -17.96 6.17
CA HIS A 238 -2.80 -16.97 6.43
C HIS A 238 -1.96 -17.41 7.63
N ARG A 239 -0.89 -16.67 7.94
CA ARG A 239 -0.06 -16.94 9.11
C ARG A 239 -0.14 -15.75 10.06
N GLU A 240 -0.07 -16.03 11.34
CA GLU A 240 -0.05 -15.04 12.41
C GLU A 240 1.13 -15.30 13.31
N GLY A 241 1.67 -14.23 13.91
CA GLY A 241 2.69 -14.40 14.93
C GLY A 241 3.20 -13.02 15.31
N ILE A 242 4.16 -13.01 16.23
CA ILE A 242 4.68 -11.74 16.74
C ILE A 242 5.94 -11.39 15.99
N VAL A 243 6.12 -10.12 15.66
CA VAL A 243 7.38 -9.63 15.11
C VAL A 243 7.79 -8.45 15.95
N GLY A 244 8.90 -8.58 16.68
CA GLY A 244 9.24 -7.55 17.62
C GLY A 244 8.26 -7.70 18.78
N ARG A 245 7.42 -6.71 19.04
CA ARG A 245 6.30 -6.88 19.96
C ARG A 245 4.96 -6.70 19.27
N ALA A 246 4.90 -6.79 17.91
CA ALA A 246 3.66 -6.47 17.21
C ALA A 246 2.97 -7.74 16.76
N PRO A 247 1.67 -7.92 17.08
CA PRO A 247 0.87 -8.97 16.40
C PRO A 247 0.92 -8.76 14.89
N SER A 248 1.19 -9.83 14.16
CA SER A 248 1.49 -9.64 12.75
C SER A 248 0.80 -10.71 11.91
N TYR A 249 0.57 -10.37 10.63
CA TYR A 249 -0.11 -11.25 9.68
C TYR A 249 0.71 -11.35 8.40
N LEU A 250 0.70 -12.54 7.79
CA LEU A 250 1.27 -12.70 6.46
C LEU A 250 0.21 -13.41 5.59
N PHE A 251 -0.22 -12.71 4.53
CA PHE A 251 -1.24 -13.16 3.57
C PHE A 251 -0.64 -13.38 2.18
N GLU A 252 -1.10 -14.43 1.50
CA GLU A 252 -0.77 -14.65 0.09
C GLU A 252 -1.64 -13.75 -0.76
N ALA A 253 -1.02 -12.89 -1.60
CA ALA A 253 -1.80 -11.83 -2.22
C ALA A 253 -2.78 -12.36 -3.27
N GLN A 254 -2.35 -13.33 -4.08
CA GLN A 254 -3.28 -13.85 -5.11
C GLN A 254 -4.52 -14.45 -4.45
N ASP A 255 -4.33 -15.12 -3.33
CA ASP A 255 -5.41 -15.85 -2.68
C ASP A 255 -6.40 -14.92 -2.00
N ILE A 256 -5.91 -13.87 -1.34
CA ILE A 256 -6.85 -12.97 -0.68
C ILE A 256 -7.57 -12.09 -1.67
N VAL A 257 -6.92 -11.78 -2.80
CA VAL A 257 -7.61 -11.04 -3.85
C VAL A 257 -8.69 -11.92 -4.47
N SER A 258 -8.35 -13.18 -4.76
CA SER A 258 -9.35 -14.08 -5.35
C SER A 258 -10.55 -14.28 -4.40
N PHE A 259 -10.24 -14.45 -3.10
CA PHE A 259 -11.29 -14.52 -2.11
C PHE A 259 -12.14 -13.26 -2.14
N GLY A 260 -11.48 -12.10 -2.17
CA GLY A 260 -12.20 -10.84 -2.13
C GLY A 260 -13.12 -10.67 -3.34
N VAL A 261 -12.68 -11.10 -4.52
CA VAL A 261 -13.54 -10.99 -5.71
C VAL A 261 -14.75 -11.92 -5.54
N THR A 262 -14.52 -13.15 -5.08
CA THR A 262 -15.58 -14.11 -4.82
C THR A 262 -16.57 -13.57 -3.79
N TYR A 263 -16.05 -13.09 -2.66
CA TYR A 263 -16.85 -12.47 -1.61
C TYR A 263 -17.72 -11.36 -2.19
N LEU A 264 -17.12 -10.44 -2.93
CA LEU A 264 -17.90 -9.32 -3.45
C LEU A 264 -18.96 -9.79 -4.44
N GLU A 265 -18.66 -10.82 -5.21
CA GLU A 265 -19.65 -11.33 -6.16
C GLU A 265 -20.82 -11.97 -5.43
N GLN A 266 -20.50 -12.81 -4.44
CA GLN A 266 -21.57 -13.51 -3.75
C GLN A 266 -22.43 -12.55 -2.96
N HIS A 267 -21.91 -11.39 -2.55
CA HIS A 267 -22.68 -10.51 -1.68
C HIS A 267 -23.25 -9.31 -2.38
N PHE A 268 -22.61 -8.80 -3.41
CA PHE A 268 -23.10 -7.58 -4.03
C PHE A 268 -23.31 -7.74 -5.53
N GLY A 269 -23.16 -8.93 -6.07
CA GLY A 269 -23.39 -9.12 -7.48
C GLY A 269 -24.84 -9.21 -7.86
N ALA A 270 -25.74 -9.15 -6.88
CA ALA A 270 -27.18 -9.28 -7.08
C ALA A 270 -27.79 -8.00 -7.66
N PRO A 271 -27.44 -6.79 -7.17
CA PRO A 271 -28.04 -5.60 -7.80
C PRO A 271 -27.52 -5.35 -9.23
N1 EPE B . -4.66 9.47 0.55
C2 EPE B . -6.09 9.28 0.22
C3 EPE B . -6.34 8.79 -1.21
N4 EPE B . -5.47 7.71 -1.60
C5 EPE B . -4.26 7.48 -0.84
C6 EPE B . -3.70 8.81 -0.34
C7 EPE B . -6.03 6.62 -2.37
C8 EPE B . -5.76 6.75 -3.86
O8 EPE B . -4.37 6.68 -4.03
C9 EPE B . -4.39 10.91 0.50
C10 EPE B . -4.07 11.40 1.89
S EPE B . -4.38 13.17 1.95
O1S EPE B . -3.20 13.86 1.42
O2S EPE B . -4.58 13.59 3.34
O3S EPE B . -5.59 13.44 1.15
MG MG C . 12.79 -13.27 -10.11
#